data_6QO4
#
_entry.id   6QO4
#
_cell.length_a   74.487
_cell.length_b   78.902
_cell.length_c   86.272
_cell.angle_alpha   90.000
_cell.angle_beta   90.000
_cell.angle_gamma   90.000
#
_symmetry.space_group_name_H-M   'P 21 21 21'
#
loop_
_entity.id
_entity.type
_entity.pdbx_description
1 polymer 'tRNA (guanine-N(1)-)-methyltransferase'
2 non-polymer 2-(1,2-oxazol-5-yl)phenol
3 water water
#
_entity_poly.entity_id   1
_entity_poly.type   'polypeptide(L)'
_entity_poly.pdbx_seq_one_letter_code
;GSMKIDVVTIFPEYLQPVRQSLPGKAIDAGLVDVAVHDLRRWTHDVHKSVDDSPYGGGPGMVMKPTVWGDALDEICTSET
LLVVPTPAGYPFTQETAWQWSTEDHLVIACGRYEGIDQRVADDAATRMRVREVSIGDYVLNGGEAAALVIIEAVLRLVPG
VLGNALSAQEDSHSEGMASLLEGPSYTRPPSWRGMDVPPVLLSGDHAKIAAWRAEQSRQRTIERRPDLLGFDSPTGEHGG
DGLS
;
_entity_poly.pdbx_strand_id   A,B
#
loop_
_chem_comp.id
_chem_comp.type
_chem_comp.name
_chem_comp.formula
97T non-polymer 2-(1,2-oxazol-5-yl)phenol 'C9 H7 N O2'
#
# COMPACT_ATOMS: atom_id res chain seq x y z
N MET A 3 20.97 -5.92 4.13
CA MET A 3 19.70 -6.64 4.26
C MET A 3 19.34 -7.42 3.00
N LYS A 4 18.80 -8.62 3.18
CA LYS A 4 18.28 -9.41 2.09
C LYS A 4 16.77 -9.54 2.21
N ILE A 5 16.06 -9.27 1.11
CA ILE A 5 14.61 -9.47 1.05
C ILE A 5 14.28 -10.47 -0.03
N ASP A 6 13.64 -11.58 0.33
CA ASP A 6 13.11 -12.49 -0.67
C ASP A 6 11.58 -12.34 -0.70
N VAL A 7 11.02 -12.14 -1.89
CA VAL A 7 9.56 -12.10 -2.06
C VAL A 7 9.10 -13.33 -2.83
N VAL A 8 8.07 -14.02 -2.33
CA VAL A 8 7.51 -15.18 -3.04
C VAL A 8 6.09 -14.88 -3.48
N THR A 9 5.82 -15.09 -4.77
CA THR A 9 4.58 -14.62 -5.37
C THR A 9 4.25 -15.39 -6.64
N ILE A 10 2.96 -15.52 -6.96
CA ILE A 10 2.62 -16.04 -8.28
C ILE A 10 2.60 -14.95 -9.34
N PHE A 11 2.90 -13.71 -8.95
CA PHE A 11 3.03 -12.60 -9.91
C PHE A 11 4.41 -11.92 -9.83
N PRO A 12 5.48 -12.63 -10.22
CA PRO A 12 6.84 -12.13 -10.02
C PRO A 12 7.12 -10.80 -10.70
N GLU A 13 6.51 -10.62 -11.87
CA GLU A 13 6.69 -9.41 -12.66
C GLU A 13 6.23 -8.16 -11.89
N TYR A 14 5.35 -8.35 -10.91
CA TYR A 14 4.78 -7.25 -10.13
C TYR A 14 5.87 -6.54 -9.35
N LEU A 15 6.82 -7.31 -8.85
CA LEU A 15 7.82 -6.82 -7.90
C LEU A 15 9.10 -6.38 -8.60
N GLN A 16 9.18 -6.58 -9.90
CA GLN A 16 10.39 -6.26 -10.67
C GLN A 16 10.73 -4.75 -10.74
N PRO A 17 9.73 -3.86 -10.82
CA PRO A 17 10.16 -2.45 -10.83
C PRO A 17 10.74 -1.95 -9.51
N VAL A 18 10.27 -2.46 -8.36
CA VAL A 18 10.81 -2.00 -7.08
C VAL A 18 12.25 -2.52 -6.82
N ARG A 19 12.61 -3.66 -7.39
CA ARG A 19 13.97 -4.18 -7.19
C ARG A 19 14.98 -3.46 -8.10
N GLN A 20 14.55 -3.04 -9.29
CA GLN A 20 15.40 -2.24 -10.16
C GLN A 20 15.33 -0.76 -9.76
N SER A 21 14.67 -0.48 -8.64
CA SER A 21 14.53 0.88 -8.11
C SER A 21 15.74 1.32 -7.31
N LEU A 22 16.42 0.34 -6.74
CA LEU A 22 17.40 0.60 -5.70
C LEU A 22 18.67 1.22 -6.31
N PRO A 23 19.31 2.14 -5.58
CA PRO A 23 20.64 2.71 -5.82
C PRO A 23 21.75 1.67 -6.00
N GLY A 24 22.24 1.53 -7.23
CA GLY A 24 23.34 0.62 -7.53
C GLY A 24 24.46 0.62 -6.50
N LYS A 25 24.71 1.79 -5.91
CA LYS A 25 25.72 1.96 -4.87
C LYS A 25 25.38 1.19 -3.58
N ALA A 26 24.10 0.84 -3.39
CA ALA A 26 23.71 0.10 -2.19
C ALA A 26 23.68 -1.43 -2.43
N ILE A 27 23.52 -1.89 -3.67
CA ILE A 27 23.80 -3.30 -3.97
C ILE A 27 25.28 -3.59 -3.92
N ASP A 28 26.06 -2.76 -4.61
CA ASP A 28 27.50 -2.97 -4.71
C ASP A 28 28.15 -2.93 -3.33
N ALA A 29 27.58 -2.16 -2.41
CA ALA A 29 28.08 -2.05 -1.05
C ALA A 29 27.51 -3.15 -0.15
N GLY A 30 26.61 -3.98 -0.70
CA GLY A 30 26.05 -5.10 0.03
C GLY A 30 25.08 -4.71 1.13
N LEU A 31 24.57 -3.48 1.09
CA LEU A 31 23.64 -3.01 2.10
C LEU A 31 22.26 -3.59 1.88
N VAL A 32 21.98 -4.01 0.65
CA VAL A 32 20.63 -4.43 0.27
C VAL A 32 20.60 -5.34 -0.96
N ASP A 33 19.66 -6.27 -0.97
CA ASP A 33 19.42 -7.13 -2.12
C ASP A 33 17.97 -7.60 -2.06
N VAL A 34 17.26 -7.45 -3.17
CA VAL A 34 15.87 -7.86 -3.24
C VAL A 34 15.74 -8.92 -4.34
N ALA A 35 15.19 -10.07 -3.99
CA ALA A 35 15.01 -11.15 -4.96
C ALA A 35 13.56 -11.59 -4.98
N VAL A 36 13.04 -11.82 -6.19
CA VAL A 36 11.65 -12.23 -6.34
C VAL A 36 11.59 -13.66 -6.88
N HIS A 37 10.76 -14.47 -6.27
CA HIS A 37 10.63 -15.88 -6.64
C HIS A 37 9.20 -16.21 -7.06
N ASP A 38 9.07 -16.87 -8.21
CA ASP A 38 7.79 -17.40 -8.66
C ASP A 38 7.41 -18.60 -7.82
N LEU A 39 6.29 -18.51 -7.08
CA LEU A 39 5.79 -19.63 -6.28
C LEU A 39 5.65 -20.92 -7.09
N ARG A 40 5.37 -20.82 -8.38
CA ARG A 40 5.14 -22.02 -9.17
C ARG A 40 6.40 -22.88 -9.31
N ARG A 41 7.55 -22.35 -8.91
CA ARG A 41 8.76 -23.18 -8.86
C ARG A 41 8.60 -24.38 -7.92
N TRP A 42 7.75 -24.23 -6.90
CA TRP A 42 7.61 -25.26 -5.88
C TRP A 42 6.31 -26.07 -6.03
N THR A 43 5.64 -25.97 -7.18
CA THR A 43 4.45 -26.79 -7.39
C THR A 43 4.85 -28.23 -7.74
N HIS A 44 3.94 -29.18 -7.54
CA HIS A 44 4.26 -30.61 -7.67
C HIS A 44 3.74 -31.23 -8.94
N ASP A 45 2.80 -30.55 -9.58
CA ASP A 45 2.06 -31.14 -10.67
C ASP A 45 2.24 -30.38 -11.97
N VAL A 46 1.91 -31.05 -13.06
CA VAL A 46 2.11 -30.48 -14.37
C VAL A 46 1.19 -29.26 -14.57
N HIS A 47 0.11 -29.18 -13.80
CA HIS A 47 -0.81 -28.05 -13.88
C HIS A 47 -0.37 -26.86 -13.01
N LYS A 48 0.73 -27.05 -12.27
CA LYS A 48 1.33 -26.03 -11.41
C LYS A 48 0.31 -25.40 -10.45
N SER A 49 -0.40 -26.25 -9.73
CA SER A 49 -1.47 -25.83 -8.85
C SER A 49 -0.95 -25.19 -7.57
N VAL A 50 -1.44 -23.99 -7.25
CA VAL A 50 -1.05 -23.34 -6.01
C VAL A 50 -2.18 -23.17 -5.00
N ASP A 51 -3.42 -23.48 -5.40
CA ASP A 51 -4.51 -23.39 -4.43
C ASP A 51 -5.53 -24.48 -4.63
N ASP A 52 -6.51 -24.55 -3.72
CA ASP A 52 -7.39 -25.69 -3.64
C ASP A 52 -8.62 -25.26 -2.82
N SER A 53 -9.70 -26.03 -2.89
CA SER A 53 -10.95 -25.62 -2.24
C SER A 53 -10.83 -25.60 -0.72
N PRO A 54 -11.49 -24.63 -0.08
CA PRO A 54 -11.40 -24.51 1.37
C PRO A 54 -12.17 -25.59 2.10
N TYR A 55 -11.53 -26.19 3.11
CA TYR A 55 -12.24 -27.08 4.01
C TYR A 55 -13.33 -26.31 4.75
N GLY A 56 -14.51 -26.92 4.88
CA GLY A 56 -15.62 -26.28 5.56
C GLY A 56 -16.50 -25.47 4.63
N GLY A 57 -16.14 -25.42 3.35
CA GLY A 57 -16.93 -24.73 2.36
C GLY A 57 -16.62 -23.24 2.28
N GLY A 58 -17.26 -22.56 1.32
CA GLY A 58 -17.04 -21.15 1.14
C GLY A 58 -16.51 -20.87 -0.24
N PRO A 59 -16.39 -19.59 -0.59
CA PRO A 59 -15.97 -19.16 -1.93
C PRO A 59 -14.46 -19.03 -2.06
N GLY A 60 -13.99 -18.94 -3.30
CA GLY A 60 -12.58 -18.75 -3.57
C GLY A 60 -11.79 -20.00 -3.31
N MET A 61 -10.49 -19.83 -3.15
CA MET A 61 -9.58 -20.94 -2.98
C MET A 61 -8.58 -20.57 -1.89
N VAL A 62 -8.00 -21.59 -1.26
CA VAL A 62 -7.00 -21.42 -0.23
C VAL A 62 -5.67 -21.93 -0.79
N MET A 63 -4.57 -21.23 -0.51
CA MET A 63 -3.29 -21.66 -1.09
C MET A 63 -2.76 -22.89 -0.38
N LYS A 64 -2.16 -23.80 -1.16
CA LYS A 64 -1.79 -25.13 -0.68
C LYS A 64 -0.61 -25.12 0.25
N PRO A 65 -0.72 -25.85 1.37
CA PRO A 65 0.37 -25.88 2.34
C PRO A 65 1.60 -26.63 1.82
N THR A 66 1.41 -27.65 1.00
CA THR A 66 2.57 -28.42 0.55
C THR A 66 3.48 -27.57 -0.34
N VAL A 67 2.88 -26.73 -1.18
CA VAL A 67 3.64 -25.85 -2.06
C VAL A 67 4.37 -24.77 -1.27
N TRP A 68 3.62 -24.08 -0.42
CA TRP A 68 4.22 -23.02 0.37
C TRP A 68 5.27 -23.55 1.33
N GLY A 69 5.01 -24.74 1.88
CA GLY A 69 5.93 -25.36 2.81
C GLY A 69 7.29 -25.60 2.16
N ASP A 70 7.27 -26.11 0.92
CA ASP A 70 8.53 -26.38 0.21
C ASP A 70 9.26 -25.07 -0.14
N ALA A 71 8.50 -24.04 -0.53
CA ALA A 71 9.12 -22.78 -0.88
C ALA A 71 9.82 -22.15 0.32
N LEU A 72 9.12 -22.10 1.46
CA LEU A 72 9.71 -21.50 2.64
C LEU A 72 10.85 -22.36 3.21
N ASP A 73 10.75 -23.68 3.08
CA ASP A 73 11.85 -24.56 3.49
C ASP A 73 13.14 -24.21 2.77
N GLU A 74 13.04 -23.88 1.49
CA GLU A 74 14.21 -23.56 0.70
C GLU A 74 14.76 -22.16 0.97
N ILE A 75 13.87 -21.20 1.13
CA ILE A 75 14.24 -19.79 1.18
C ILE A 75 14.55 -19.30 2.60
N CYS A 76 13.84 -19.85 3.58
CA CYS A 76 13.99 -19.37 4.95
C CYS A 76 15.07 -20.06 5.73
N THR A 77 15.65 -19.34 6.68
CA THR A 77 16.55 -19.93 7.66
C THR A 77 16.06 -19.54 9.06
N SER A 78 16.74 -20.02 10.09
CA SER A 78 16.35 -19.71 11.46
C SER A 78 16.44 -18.20 11.77
N GLU A 79 17.19 -17.46 10.95
CA GLU A 79 17.36 -16.02 11.16
C GLU A 79 16.28 -15.19 10.47
N THR A 80 15.53 -15.83 9.58
CA THR A 80 14.51 -15.14 8.81
C THR A 80 13.39 -14.53 9.64
N LEU A 81 12.99 -13.32 9.25
CA LEU A 81 11.70 -12.79 9.66
C LEU A 81 10.72 -12.98 8.51
N LEU A 82 9.75 -13.87 8.71
CA LEU A 82 8.76 -14.18 7.70
C LEU A 82 7.58 -13.24 7.84
N VAL A 83 7.37 -12.43 6.80
CA VAL A 83 6.30 -11.45 6.75
C VAL A 83 5.18 -11.96 5.86
N VAL A 84 3.96 -12.01 6.39
CA VAL A 84 2.84 -12.52 5.62
C VAL A 84 1.76 -11.46 5.59
N PRO A 85 1.65 -10.75 4.47
CA PRO A 85 0.53 -9.80 4.39
C PRO A 85 -0.81 -10.53 4.39
N THR A 86 -1.74 -9.96 5.14
CA THR A 86 -3.08 -10.53 5.23
C THR A 86 -4.02 -9.49 5.77
N PRO A 87 -5.26 -9.49 5.27
CA PRO A 87 -6.28 -8.56 5.77
C PRO A 87 -6.59 -8.78 7.24
N ALA A 88 -6.29 -9.97 7.74
CA ALA A 88 -6.50 -10.29 9.15
C ALA A 88 -5.25 -10.12 10.02
N GLY A 89 -4.28 -9.36 9.52
CA GLY A 89 -3.02 -9.20 10.24
C GLY A 89 -3.05 -8.13 11.32
N TYR A 90 -1.99 -8.10 12.14
CA TYR A 90 -1.73 -6.97 13.01
C TYR A 90 -1.42 -5.78 12.11
N PRO A 91 -1.70 -4.55 12.56
CA PRO A 91 -1.42 -3.41 11.67
C PRO A 91 0.08 -3.17 11.46
N PHE A 92 0.46 -3.01 10.19
CA PHE A 92 1.81 -2.58 9.84
C PHE A 92 1.88 -1.07 10.05
N THR A 93 2.80 -0.63 10.89
CA THR A 93 2.96 0.80 11.18
C THR A 93 4.39 1.27 10.93
N GLN A 94 4.62 2.57 11.08
CA GLN A 94 5.97 3.10 10.94
C GLN A 94 6.89 2.50 11.99
N GLU A 95 6.34 2.19 13.17
CA GLU A 95 7.18 1.58 14.20
C GLU A 95 7.60 0.18 13.74
N THR A 96 6.69 -0.55 13.09
CA THR A 96 7.02 -1.86 12.54
C THR A 96 8.15 -1.73 11.53
N ALA A 97 8.03 -0.73 10.64
CA ALA A 97 9.02 -0.53 9.58
C ALA A 97 10.40 -0.27 10.17
N TRP A 98 10.45 0.55 11.22
CA TRP A 98 11.70 0.81 11.95
C TRP A 98 12.28 -0.47 12.53
N GLN A 99 11.45 -1.30 13.14
CA GLN A 99 11.94 -2.57 13.69
C GLN A 99 12.52 -3.47 12.61
N TRP A 100 11.79 -3.62 11.51
CA TRP A 100 12.22 -4.55 10.47
C TRP A 100 13.41 -4.04 9.68
N SER A 101 13.69 -2.74 9.78
CA SER A 101 14.77 -2.14 8.97
C SER A 101 16.15 -2.60 9.41
N THR A 102 16.24 -3.16 10.62
CA THR A 102 17.52 -3.66 11.12
C THR A 102 17.66 -5.18 10.97
N GLU A 103 16.69 -5.81 10.34
CA GLU A 103 16.73 -7.25 10.10
C GLU A 103 17.71 -7.61 8.98
N ASP A 104 18.36 -8.77 9.11
CA ASP A 104 19.27 -9.24 8.08
C ASP A 104 18.55 -9.91 6.92
N HIS A 105 17.37 -10.48 7.18
CA HIS A 105 16.68 -11.27 6.17
C HIS A 105 15.17 -11.23 6.36
N LEU A 106 14.49 -10.58 5.43
CA LEU A 106 13.04 -10.61 5.35
C LEU A 106 12.59 -11.50 4.23
N VAL A 107 11.58 -12.33 4.50
CA VAL A 107 10.93 -13.11 3.44
C VAL A 107 9.46 -12.73 3.43
N ILE A 108 8.97 -12.23 2.31
CA ILE A 108 7.58 -11.81 2.21
C ILE A 108 6.79 -12.80 1.38
N ALA A 109 5.79 -13.42 2.00
CA ALA A 109 4.96 -14.43 1.35
C ALA A 109 3.65 -13.81 0.89
N CYS A 110 3.52 -13.64 -0.44
CA CYS A 110 2.33 -13.01 -1.02
C CYS A 110 1.28 -14.03 -1.38
N GLY A 111 0.12 -13.91 -0.76
CA GLY A 111 -0.96 -14.86 -1.00
C GLY A 111 -2.19 -14.14 -1.49
N ARG A 112 -3.20 -14.90 -1.89
CA ARG A 112 -4.46 -14.30 -2.32
C ARG A 112 -5.31 -13.93 -1.11
N TYR A 113 -6.37 -13.15 -1.35
CA TYR A 113 -7.22 -12.65 -0.27
C TYR A 113 -7.77 -13.76 0.64
N GLU A 114 -8.20 -14.87 0.05
CA GLU A 114 -8.78 -15.97 0.82
C GLU A 114 -7.76 -16.65 1.74
N GLY A 115 -6.48 -16.51 1.42
CA GLY A 115 -5.43 -16.85 2.35
C GLY A 115 -4.58 -18.06 2.02
N ILE A 116 -3.51 -18.20 2.77
CA ILE A 116 -2.64 -19.39 2.75
C ILE A 116 -3.09 -20.31 3.88
N ASP A 117 -3.17 -21.62 3.61
CA ASP A 117 -3.46 -22.60 4.66
C ASP A 117 -2.73 -22.21 5.95
N GLN A 118 -3.47 -22.07 7.05
CA GLN A 118 -2.90 -21.56 8.30
C GLN A 118 -1.74 -22.39 8.85
N ARG A 119 -1.67 -23.67 8.47
CA ARG A 119 -0.61 -24.51 8.98
C ARG A 119 0.76 -24.07 8.48
N VAL A 120 0.82 -23.38 7.33
CA VAL A 120 2.09 -22.89 6.83
C VAL A 120 2.73 -21.92 7.83
N ALA A 121 1.99 -20.88 8.22
CA ALA A 121 2.50 -19.92 9.20
C ALA A 121 2.76 -20.60 10.54
N ASP A 122 1.82 -21.47 10.95
CA ASP A 122 1.93 -22.14 12.23
C ASP A 122 3.21 -23.00 12.32
N ASP A 123 3.46 -23.77 11.26
CA ASP A 123 4.68 -24.55 11.18
C ASP A 123 5.93 -23.67 11.17
N ALA A 124 5.92 -22.65 10.31
CA ALA A 124 7.08 -21.77 10.19
C ALA A 124 7.43 -21.13 11.54
N ALA A 125 6.39 -20.81 12.30
CA ALA A 125 6.56 -20.13 13.57
C ALA A 125 7.23 -21.01 14.61
N THR A 126 7.32 -22.32 14.37
CA THR A 126 8.00 -23.20 15.33
C THR A 126 9.52 -23.17 15.13
N ARG A 127 9.99 -22.51 14.08
CA ARG A 127 11.44 -22.43 13.93
C ARG A 127 11.97 -21.08 13.45
N MET A 128 11.07 -20.11 13.25
CA MET A 128 11.47 -18.76 12.88
C MET A 128 10.41 -17.75 13.33
N ARG A 129 10.73 -16.46 13.25
CA ARG A 129 9.78 -15.42 13.64
C ARG A 129 8.84 -15.16 12.48
N VAL A 130 7.54 -15.14 12.76
CA VAL A 130 6.53 -14.95 11.71
C VAL A 130 5.66 -13.75 12.09
N ARG A 131 5.39 -12.89 11.12
CA ARG A 131 4.56 -11.70 11.36
C ARG A 131 3.46 -11.57 10.32
N GLU A 132 2.20 -11.73 10.74
CA GLU A 132 1.09 -11.52 9.84
C GLU A 132 0.64 -10.09 9.99
N VAL A 133 0.62 -9.33 8.89
CA VAL A 133 0.33 -7.90 8.99
C VAL A 133 -0.60 -7.40 7.88
N SER A 134 -1.41 -6.40 8.24
CA SER A 134 -2.25 -5.69 7.28
CA SER A 134 -2.25 -5.70 7.26
C SER A 134 -1.73 -4.28 7.07
N ILE A 135 -1.86 -3.75 5.86
CA ILE A 135 -1.36 -2.38 5.63
C ILE A 135 -2.47 -1.31 5.68
N GLY A 136 -3.71 -1.74 5.91
CA GLY A 136 -4.81 -0.81 6.01
C GLY A 136 -6.16 -1.50 5.97
N ASP A 137 -7.23 -0.73 6.15
CA ASP A 137 -8.56 -1.34 6.17
C ASP A 137 -9.25 -1.17 4.83
N TYR A 138 -8.73 -1.91 3.86
CA TYR A 138 -9.32 -2.01 2.55
C TYR A 138 -8.92 -3.40 2.10
N VAL A 139 -9.60 -3.89 1.07
CA VAL A 139 -9.36 -5.25 0.60
C VAL A 139 -8.63 -5.23 -0.73
N LEU A 140 -7.48 -5.87 -0.75
CA LEU A 140 -6.74 -6.10 -1.99
C LEU A 140 -7.03 -7.52 -2.44
N ASN A 141 -6.83 -7.80 -3.72
CA ASN A 141 -7.05 -9.16 -4.20
C ASN A 141 -5.94 -10.13 -3.78
N GLY A 142 -4.75 -9.59 -3.55
CA GLY A 142 -3.61 -10.39 -3.14
C GLY A 142 -2.57 -9.56 -2.41
N GLY A 143 -1.56 -10.22 -1.86
CA GLY A 143 -0.57 -9.56 -1.01
C GLY A 143 0.50 -8.74 -1.72
N GLU A 144 0.56 -8.81 -3.05
CA GLU A 144 1.62 -8.17 -3.82
C GLU A 144 1.77 -6.65 -3.57
N ALA A 145 0.67 -5.92 -3.70
CA ALA A 145 0.72 -4.48 -3.44
C ALA A 145 1.11 -4.15 -2.00
N ALA A 146 0.65 -4.97 -1.06
CA ALA A 146 1.06 -4.80 0.34
C ALA A 146 2.56 -5.00 0.49
N ALA A 147 3.11 -6.00 -0.22
CA ALA A 147 4.54 -6.24 -0.23
C ALA A 147 5.34 -5.04 -0.74
N LEU A 148 4.88 -4.45 -1.85
CA LEU A 148 5.46 -3.21 -2.38
C LEU A 148 5.51 -2.09 -1.34
N VAL A 149 4.41 -1.92 -0.62
CA VAL A 149 4.32 -0.88 0.40
C VAL A 149 5.30 -1.15 1.55
N ILE A 150 5.31 -2.40 2.00
CA ILE A 150 6.22 -2.81 3.08
C ILE A 150 7.68 -2.63 2.66
N ILE A 151 8.01 -3.04 1.44
CA ILE A 151 9.40 -2.96 0.99
C ILE A 151 9.84 -1.51 0.93
N GLU A 152 8.97 -0.65 0.42
CA GLU A 152 9.29 0.77 0.35
C GLU A 152 9.44 1.40 1.74
N ALA A 153 8.49 1.14 2.64
CA ALA A 153 8.51 1.76 3.97
C ALA A 153 9.73 1.29 4.77
N VAL A 154 10.08 0.01 4.63
CA VAL A 154 11.24 -0.53 5.36
C VAL A 154 12.57 -0.03 4.76
N LEU A 155 12.72 -0.11 3.44
CA LEU A 155 14.04 0.16 2.84
C LEU A 155 14.46 1.62 2.91
N ARG A 156 13.51 2.56 2.94
CA ARG A 156 13.92 3.96 3.02
C ARG A 156 14.48 4.30 4.41
N LEU A 157 14.27 3.39 5.37
CA LEU A 157 14.88 3.50 6.71
C LEU A 157 16.24 2.82 6.81
N VAL A 158 16.66 2.14 5.75
CA VAL A 158 17.98 1.54 5.70
C VAL A 158 18.94 2.58 5.14
N PRO A 159 19.90 3.02 5.98
CA PRO A 159 20.83 4.08 5.63
C PRO A 159 21.51 3.87 4.28
N GLY A 160 21.37 4.83 3.36
CA GLY A 160 22.02 4.75 2.06
C GLY A 160 21.18 4.18 0.92
N VAL A 161 19.94 3.80 1.25
CA VAL A 161 19.02 3.30 0.25
C VAL A 161 17.98 4.36 -0.08
N SER A 179 0.41 11.30 16.76
CA SER A 179 1.20 12.52 16.63
C SER A 179 0.35 13.63 16.03
N LEU A 180 0.93 14.34 15.07
CA LEU A 180 0.19 15.34 14.31
C LEU A 180 0.55 15.23 12.83
N LEU A 181 -0.41 15.58 11.97
CA LEU A 181 -0.16 15.62 10.54
C LEU A 181 0.69 16.81 10.11
N GLU A 182 1.44 16.64 9.03
CA GLU A 182 2.18 17.73 8.42
C GLU A 182 1.19 18.69 7.77
N GLY A 183 1.40 20.00 7.95
CA GLY A 183 0.56 20.99 7.31
C GLY A 183 1.00 21.22 5.87
N PRO A 184 0.39 22.22 5.23
CA PRO A 184 0.63 22.54 3.81
C PRO A 184 2.05 23.06 3.56
N SER A 185 2.59 22.73 2.40
CA SER A 185 3.90 23.22 1.99
CA SER A 185 3.89 23.26 2.02
C SER A 185 3.78 24.10 0.75
N TYR A 186 4.77 24.96 0.52
CA TYR A 186 4.73 25.91 -0.59
C TYR A 186 6.12 26.11 -1.16
N THR A 187 6.20 26.38 -2.45
CA THR A 187 7.46 26.81 -3.05
C THR A 187 7.18 27.90 -4.09
N ARG A 188 8.19 28.29 -4.86
CA ARG A 188 8.03 29.34 -5.85
C ARG A 188 7.04 28.95 -6.94
N PRO A 189 6.36 29.94 -7.54
CA PRO A 189 6.42 31.38 -7.29
C PRO A 189 5.55 31.82 -6.12
N PRO A 190 5.82 33.00 -5.53
CA PRO A 190 5.08 33.48 -4.36
C PRO A 190 3.59 33.70 -4.64
N SER A 191 3.25 33.96 -5.89
CA SER A 191 1.85 34.10 -6.28
CA SER A 191 1.85 34.12 -6.28
C SER A 191 1.57 33.24 -7.49
N TRP A 192 0.52 32.43 -7.41
CA TRP A 192 0.19 31.51 -8.49
C TRP A 192 -1.31 31.30 -8.59
N ARG A 193 -1.86 31.60 -9.77
CA ARG A 193 -3.29 31.53 -10.05
C ARG A 193 -4.15 32.15 -8.95
N GLY A 194 -3.75 33.35 -8.50
CA GLY A 194 -4.51 34.09 -7.53
C GLY A 194 -4.27 33.73 -6.09
N MET A 195 -3.37 32.79 -5.84
CA MET A 195 -3.09 32.32 -4.49
C MET A 195 -1.68 32.69 -4.06
N ASP A 196 -1.57 33.42 -2.96
CA ASP A 196 -0.28 33.81 -2.40
C ASP A 196 0.21 32.83 -1.36
N VAL A 197 1.51 32.62 -1.31
CA VAL A 197 2.10 31.87 -0.22
C VAL A 197 1.85 32.66 1.07
N PRO A 198 1.43 31.96 2.15
CA PRO A 198 1.23 32.64 3.43
C PRO A 198 2.42 33.54 3.79
N PRO A 199 2.17 34.85 3.95
CA PRO A 199 3.26 35.81 4.17
C PRO A 199 4.15 35.47 5.35
N VAL A 200 3.62 34.79 6.37
CA VAL A 200 4.43 34.44 7.53
C VAL A 200 5.67 33.62 7.12
N LEU A 201 5.52 32.79 6.07
CA LEU A 201 6.64 31.94 5.64
C LEU A 201 7.79 32.72 5.02
N LEU A 202 7.51 33.95 4.59
CA LEU A 202 8.54 34.80 4.03
C LEU A 202 9.01 35.90 5.02
N SER A 203 8.60 35.78 6.27
CA SER A 203 8.83 36.84 7.27
C SER A 203 10.22 36.87 7.91
N GLY A 204 10.95 35.76 7.85
CA GLY A 204 12.23 35.70 8.54
C GLY A 204 12.09 35.62 10.06
N ASP A 205 10.89 35.38 10.56
CA ASP A 205 10.65 35.19 11.99
C ASP A 205 10.46 33.70 12.23
N HIS A 206 11.53 32.99 12.54
CA HIS A 206 11.44 31.54 12.44
C HIS A 206 10.74 30.90 13.64
N ALA A 207 10.70 31.60 14.77
CA ALA A 207 9.87 31.15 15.89
C ALA A 207 8.40 31.24 15.51
N LYS A 208 8.02 32.34 14.89
CA LYS A 208 6.63 32.53 14.49
C LYS A 208 6.19 31.52 13.41
N ILE A 209 7.10 31.24 12.49
CA ILE A 209 6.85 30.25 11.43
C ILE A 209 6.59 28.90 12.05
N ALA A 210 7.43 28.51 12.99
CA ALA A 210 7.24 27.24 13.68
C ALA A 210 5.87 27.18 14.38
N ALA A 211 5.48 28.28 15.02
CA ALA A 211 4.21 28.29 15.74
C ALA A 211 3.04 28.24 14.75
N TRP A 212 3.19 28.92 13.61
CA TRP A 212 2.16 28.90 12.57
C TRP A 212 1.99 27.49 12.02
N ARG A 213 3.10 26.81 11.77
CA ARG A 213 3.04 25.46 11.24
C ARG A 213 2.42 24.51 12.25
N ALA A 214 2.67 24.76 13.52
CA ALA A 214 2.08 23.94 14.58
C ALA A 214 0.56 24.10 14.60
N GLU A 215 0.09 25.32 14.43
CA GLU A 215 -1.35 25.55 14.42
C GLU A 215 -1.98 24.92 13.17
N GLN A 216 -1.30 25.03 12.02
CA GLN A 216 -1.79 24.38 10.79
C GLN A 216 -1.90 22.88 10.98
N SER A 217 -0.91 22.29 11.64
CA SER A 217 -0.93 20.85 11.90
C SER A 217 -2.07 20.45 12.82
N ARG A 218 -2.28 21.25 13.86
CA ARG A 218 -3.40 21.02 14.78
C ARG A 218 -4.72 21.02 14.01
N GLN A 219 -4.93 22.04 13.19
CA GLN A 219 -6.20 22.18 12.47
C GLN A 219 -6.42 21.03 11.51
N ARG A 220 -5.40 20.67 10.74
CA ARG A 220 -5.52 19.59 9.76
C ARG A 220 -5.74 18.23 10.42
N THR A 221 -5.08 18.00 11.55
CA THR A 221 -5.23 16.76 12.28
C THR A 221 -6.66 16.64 12.83
N ILE A 222 -7.19 17.73 13.37
CA ILE A 222 -8.59 17.78 13.81
C ILE A 222 -9.54 17.43 12.67
N GLU A 223 -9.31 18.04 11.52
CA GLU A 223 -10.19 17.87 10.38
C GLU A 223 -10.11 16.47 9.76
N ARG A 224 -8.89 15.98 9.58
CA ARG A 224 -8.70 14.77 8.78
C ARG A 224 -8.46 13.50 9.58
N ARG A 225 -7.85 13.65 10.75
CA ARG A 225 -7.45 12.47 11.53
C ARG A 225 -7.72 12.69 13.01
N PRO A 226 -8.99 12.90 13.38
CA PRO A 226 -9.28 13.15 14.81
C PRO A 226 -8.91 11.95 15.68
N ASP A 227 -8.79 10.77 15.06
CA ASP A 227 -8.38 9.56 15.75
C ASP A 227 -6.98 9.69 16.37
N LEU A 228 -6.16 10.58 15.83
CA LEU A 228 -4.80 10.76 16.34
C LEU A 228 -4.76 11.60 17.62
N LEU A 229 -5.90 12.16 17.98
CA LEU A 229 -5.99 12.99 19.17
C LEU A 229 -6.80 12.28 20.25
N SER B 2 -17.59 1.52 -18.18
CA SER B 2 -16.14 1.72 -18.24
C SER B 2 -15.67 2.74 -17.22
N MET B 3 -14.38 2.69 -16.90
CA MET B 3 -13.75 3.66 -16.01
C MET B 3 -12.41 4.06 -16.62
N LYS B 4 -12.06 5.33 -16.51
CA LYS B 4 -10.75 5.81 -16.93
C LYS B 4 -9.94 6.20 -15.70
N ILE B 5 -8.73 5.66 -15.58
CA ILE B 5 -7.82 6.10 -14.54
C ILE B 5 -6.58 6.69 -15.20
N ASP B 6 -6.26 7.94 -14.86
CA ASP B 6 -5.00 8.55 -15.27
C ASP B 6 -4.10 8.69 -14.03
N VAL B 7 -2.84 8.29 -14.17
CA VAL B 7 -1.87 8.44 -13.08
C VAL B 7 -0.76 9.36 -13.54
N VAL B 8 -0.46 10.38 -12.73
CA VAL B 8 0.62 11.31 -13.09
C VAL B 8 1.76 11.15 -12.11
N THR B 9 2.98 10.97 -12.62
CA THR B 9 4.14 10.59 -11.81
C THR B 9 5.45 10.98 -12.49
N ILE B 10 6.51 11.16 -11.71
CA ILE B 10 7.84 11.31 -12.30
C ILE B 10 8.52 9.95 -12.47
N PHE B 11 7.84 8.88 -12.06
CA PHE B 11 8.33 7.52 -12.27
C PHE B 11 7.30 6.65 -13.00
N PRO B 12 7.04 6.94 -14.29
CA PRO B 12 6.01 6.18 -14.98
C PRO B 12 6.29 4.67 -15.04
N GLU B 13 7.55 4.26 -15.14
CA GLU B 13 7.89 2.84 -15.22
C GLU B 13 7.57 2.09 -13.93
N TYR B 14 7.51 2.81 -12.82
CA TYR B 14 7.21 2.18 -11.55
C TYR B 14 5.72 1.79 -11.46
N LEU B 15 4.89 2.34 -12.34
CA LEU B 15 3.47 2.02 -12.30
C LEU B 15 3.14 0.77 -13.13
N GLN B 16 4.18 0.20 -13.75
CA GLN B 16 4.03 -1.04 -14.53
C GLN B 16 3.50 -2.28 -13.79
N PRO B 17 3.69 -2.38 -12.45
CA PRO B 17 3.04 -3.50 -11.77
C PRO B 17 1.50 -3.52 -11.91
N VAL B 18 0.90 -2.45 -12.42
CA VAL B 18 -0.54 -2.40 -12.65
C VAL B 18 -0.97 -3.31 -13.82
N ARG B 19 0.00 -3.86 -14.56
CA ARG B 19 -0.26 -4.74 -15.69
C ARG B 19 -0.38 -6.20 -15.26
N GLN B 20 -0.80 -7.08 -16.18
CA GLN B 20 -0.98 -8.53 -15.98
C GLN B 20 -1.14 -8.99 -14.52
N SER B 21 -2.33 -8.76 -13.98
CA SER B 21 -2.61 -8.89 -12.55
C SER B 21 -4.11 -8.72 -12.33
N LEU B 22 -4.53 -8.34 -11.13
CA LEU B 22 -5.94 -7.99 -10.92
C LEU B 22 -6.29 -6.77 -11.78
N PRO B 23 -5.52 -5.67 -11.67
CA PRO B 23 -5.80 -4.56 -12.59
C PRO B 23 -5.57 -4.92 -14.07
N GLY B 24 -4.59 -5.76 -14.34
CA GLY B 24 -4.30 -6.18 -15.71
C GLY B 24 -5.46 -6.92 -16.34
N LYS B 25 -6.12 -7.75 -15.54
CA LYS B 25 -7.27 -8.51 -16.00
C LYS B 25 -8.41 -7.56 -16.35
N ALA B 26 -8.64 -6.57 -15.50
CA ALA B 26 -9.69 -5.57 -15.72
C ALA B 26 -9.41 -4.77 -16.98
N ILE B 27 -8.15 -4.45 -17.19
CA ILE B 27 -7.74 -3.69 -18.36
C ILE B 27 -8.04 -4.47 -19.62
N ASP B 28 -7.58 -5.72 -19.65
CA ASP B 28 -7.72 -6.56 -20.82
C ASP B 28 -9.18 -6.93 -21.08
N ALA B 29 -10.00 -6.88 -20.04
CA ALA B 29 -11.44 -7.12 -20.16
C ALA B 29 -12.18 -5.86 -20.59
N GLY B 30 -11.46 -4.75 -20.72
CA GLY B 30 -12.04 -3.49 -21.17
C GLY B 30 -12.97 -2.83 -20.17
N LEU B 31 -12.84 -3.17 -18.90
CA LEU B 31 -13.67 -2.54 -17.87
C LEU B 31 -13.03 -1.26 -17.35
N VAL B 32 -11.76 -1.08 -17.68
CA VAL B 32 -11.03 0.11 -17.26
C VAL B 32 -9.89 0.39 -18.23
N ASP B 33 -9.58 1.67 -18.41
CA ASP B 33 -8.43 2.10 -19.17
C ASP B 33 -7.50 2.82 -18.22
N VAL B 34 -6.29 2.31 -18.06
CA VAL B 34 -5.32 2.99 -17.18
C VAL B 34 -4.20 3.62 -18.00
N ALA B 35 -4.03 4.93 -17.88
CA ALA B 35 -2.98 5.63 -18.62
C ALA B 35 -2.02 6.26 -17.64
N VAL B 36 -0.72 6.11 -17.90
CA VAL B 36 0.28 6.68 -16.99
C VAL B 36 1.04 7.79 -17.68
N HIS B 37 1.15 8.93 -17.01
CA HIS B 37 1.75 10.13 -17.59
C HIS B 37 2.99 10.59 -16.83
N ASP B 38 4.08 10.81 -17.57
CA ASP B 38 5.30 11.39 -17.01
C ASP B 38 5.08 12.88 -16.75
N LEU B 39 5.08 13.30 -15.48
CA LEU B 39 4.90 14.71 -15.12
C LEU B 39 5.88 15.66 -15.85
N ARG B 40 7.10 15.18 -16.13
CA ARG B 40 8.11 16.03 -16.78
C ARG B 40 7.69 16.43 -18.21
N ARG B 41 6.69 15.75 -18.74
CA ARG B 41 6.08 16.12 -20.03
C ARG B 41 5.59 17.57 -20.05
N TRP B 42 5.25 18.11 -18.87
CA TRP B 42 4.71 19.47 -18.80
C TRP B 42 5.71 20.52 -18.32
N THR B 43 6.99 20.15 -18.25
CA THR B 43 8.03 21.13 -17.96
C THR B 43 8.50 21.80 -19.25
N HIS B 44 9.12 22.97 -19.11
CA HIS B 44 9.71 23.65 -20.25
C HIS B 44 11.16 23.99 -19.94
N ASP B 45 11.55 23.67 -18.71
CA ASP B 45 12.92 23.77 -18.24
C ASP B 45 13.84 22.91 -19.09
N VAL B 46 15.12 23.30 -19.18
CA VAL B 46 16.11 22.49 -19.87
C VAL B 46 16.43 21.24 -19.05
N HIS B 47 16.34 21.38 -17.73
CA HIS B 47 16.61 20.28 -16.81
C HIS B 47 15.33 19.61 -16.32
N LYS B 48 14.20 19.98 -16.91
CA LYS B 48 12.89 19.39 -16.59
C LYS B 48 12.62 19.39 -15.08
N SER B 49 12.78 20.56 -14.45
CA SER B 49 12.70 20.67 -12.98
C SER B 49 11.26 20.64 -12.50
N VAL B 50 10.97 19.75 -11.56
CA VAL B 50 9.62 19.64 -11.01
C VAL B 50 9.57 20.10 -9.55
N ASP B 51 10.72 20.46 -8.98
CA ASP B 51 10.78 20.81 -7.57
C ASP B 51 11.64 22.00 -7.20
N ASP B 52 11.45 22.47 -5.97
CA ASP B 52 12.16 23.64 -5.50
C ASP B 52 12.15 23.64 -3.97
N SER B 53 13.00 24.46 -3.37
CA SER B 53 13.09 24.55 -1.92
C SER B 53 11.82 25.12 -1.30
N PRO B 54 11.48 24.66 -0.09
CA PRO B 54 10.26 25.14 0.60
C PRO B 54 10.36 26.58 1.12
N TYR B 55 9.31 27.36 0.90
CA TYR B 55 9.17 28.62 1.61
C TYR B 55 9.05 28.35 3.11
N GLY B 56 9.68 29.19 3.92
CA GLY B 56 9.60 29.05 5.36
C GLY B 56 10.61 28.10 5.96
N GLY B 57 11.35 27.40 5.11
CA GLY B 57 12.37 26.50 5.58
C GLY B 57 11.93 25.06 5.75
N GLY B 58 12.88 24.20 6.08
CA GLY B 58 12.57 22.80 6.28
C GLY B 58 13.41 21.97 5.34
N PRO B 59 13.40 20.65 5.53
CA PRO B 59 14.24 19.76 4.73
C PRO B 59 13.58 19.43 3.39
N GLY B 60 14.40 19.01 2.44
CA GLY B 60 13.88 18.49 1.18
C GLY B 60 13.36 19.54 0.23
N MET B 61 12.56 19.09 -0.71
CA MET B 61 12.08 19.92 -1.79
C MET B 61 10.57 19.77 -1.89
N VAL B 62 9.92 20.71 -2.54
CA VAL B 62 8.47 20.71 -2.68
C VAL B 62 8.18 20.71 -4.18
N MET B 63 7.18 19.96 -4.63
CA MET B 63 6.91 19.96 -6.07
C MET B 63 6.25 21.27 -6.49
N LYS B 64 6.79 21.87 -7.56
CA LYS B 64 6.31 23.14 -8.12
C LYS B 64 4.85 23.10 -8.55
N PRO B 65 4.08 24.14 -8.20
CA PRO B 65 2.69 24.13 -8.64
C PRO B 65 2.50 24.37 -10.14
N THR B 66 3.43 25.08 -10.77
CA THR B 66 3.31 25.41 -12.19
C THR B 66 3.21 24.17 -13.08
N VAL B 67 4.14 23.24 -12.89
CA VAL B 67 4.14 21.99 -13.66
C VAL B 67 2.87 21.17 -13.42
N TRP B 68 2.49 21.03 -12.15
CA TRP B 68 1.32 20.25 -11.79
C TRP B 68 0.06 20.88 -12.36
N GLY B 69 -0.03 22.21 -12.27
CA GLY B 69 -1.17 22.93 -12.80
C GLY B 69 -1.40 22.69 -14.28
N ASP B 70 -0.32 22.72 -15.06
CA ASP B 70 -0.41 22.50 -16.50
C ASP B 70 -0.81 21.05 -16.80
N ALA B 71 -0.27 20.11 -16.03
CA ALA B 71 -0.59 18.70 -16.21
C ALA B 71 -2.08 18.42 -15.96
N LEU B 72 -2.58 18.93 -14.84
CA LEU B 72 -3.97 18.69 -14.46
C LEU B 72 -4.95 19.46 -15.34
N ASP B 73 -4.53 20.64 -15.81
CA ASP B 73 -5.31 21.38 -16.81
C ASP B 73 -5.62 20.51 -18.02
N GLU B 74 -4.63 19.73 -18.43
CA GLU B 74 -4.76 18.93 -19.64
C GLU B 74 -5.57 17.66 -19.41
N ILE B 75 -5.31 17.00 -18.28
CA ILE B 75 -5.84 15.68 -18.00
C ILE B 75 -7.23 15.66 -17.35
N CYS B 76 -7.51 16.66 -16.52
CA CYS B 76 -8.77 16.67 -15.76
C CYS B 76 -9.91 17.46 -16.41
N THR B 77 -11.14 17.03 -16.12
CA THR B 77 -12.33 17.80 -16.44
C THR B 77 -13.09 18.11 -15.16
N SER B 78 -14.20 18.84 -15.27
CA SER B 78 -15.01 19.15 -14.09
C SER B 78 -15.58 17.89 -13.43
N GLU B 79 -15.66 16.79 -14.17
CA GLU B 79 -16.24 15.55 -13.68
C GLU B 79 -15.21 14.64 -12.99
N THR B 80 -13.94 14.99 -13.12
CA THR B 80 -12.84 14.19 -12.57
C THR B 80 -12.85 14.15 -11.04
N LEU B 81 -12.60 12.97 -10.48
CA LEU B 81 -12.23 12.86 -9.07
C LEU B 81 -10.71 12.85 -8.97
N LEU B 82 -10.15 13.93 -8.46
CA LEU B 82 -8.71 14.04 -8.32
C LEU B 82 -8.29 13.48 -6.98
N VAL B 83 -7.48 12.43 -7.04
CA VAL B 83 -6.99 11.71 -5.89
C VAL B 83 -5.52 12.04 -5.65
N VAL B 84 -5.20 12.50 -4.43
CA VAL B 84 -3.83 12.85 -4.11
C VAL B 84 -3.34 12.11 -2.90
N PRO B 85 -2.59 11.03 -3.10
CA PRO B 85 -2.02 10.35 -1.94
C PRO B 85 -1.09 11.25 -1.15
N THR B 86 -1.25 11.24 0.16
CA THR B 86 -0.40 12.02 1.07
C THR B 86 -0.51 11.49 2.50
N PRO B 87 0.61 11.53 3.24
CA PRO B 87 0.57 11.01 4.61
C PRO B 87 -0.38 11.82 5.48
N ALA B 88 -0.66 13.05 5.05
CA ALA B 88 -1.55 13.92 5.79
C ALA B 88 -2.98 13.90 5.26
N GLY B 89 -3.33 12.86 4.53
CA GLY B 89 -4.65 12.79 3.91
C GLY B 89 -5.74 12.28 4.85
N TYR B 90 -6.99 12.35 4.40
CA TYR B 90 -8.08 11.59 5.03
C TYR B 90 -7.80 10.10 4.82
N PRO B 91 -8.23 9.23 5.76
CA PRO B 91 -7.97 7.79 5.56
C PRO B 91 -8.70 7.22 4.34
N PHE B 92 -7.98 6.52 3.48
CA PHE B 92 -8.58 5.72 2.42
C PHE B 92 -9.01 4.39 3.06
N THR B 93 -10.31 4.09 3.02
CA THR B 93 -10.82 2.86 3.59
C THR B 93 -11.63 2.06 2.57
N GLN B 94 -12.19 0.92 2.99
CA GLN B 94 -12.99 0.12 2.09
C GLN B 94 -14.23 0.88 1.65
N GLU B 95 -14.77 1.70 2.55
CA GLU B 95 -15.90 2.54 2.19
C GLU B 95 -15.51 3.49 1.06
N THR B 96 -14.31 4.06 1.15
CA THR B 96 -13.81 4.92 0.08
C THR B 96 -13.70 4.15 -1.24
N ALA B 97 -13.21 2.92 -1.16
CA ALA B 97 -13.04 2.11 -2.36
C ALA B 97 -14.38 1.86 -3.03
N TRP B 98 -15.39 1.53 -2.23
CA TRP B 98 -16.74 1.37 -2.76
C TRP B 98 -17.25 2.66 -3.42
N GLN B 99 -17.02 3.79 -2.78
CA GLN B 99 -17.48 5.06 -3.33
C GLN B 99 -16.83 5.35 -4.68
N TRP B 100 -15.52 5.15 -4.77
CA TRP B 100 -14.80 5.50 -5.99
C TRP B 100 -15.03 4.47 -7.09
N SER B 101 -15.57 3.30 -6.73
CA SER B 101 -15.76 2.23 -7.71
C SER B 101 -16.82 2.61 -8.75
N THR B 102 -17.60 3.64 -8.46
CA THR B 102 -18.65 4.03 -9.39
C THR B 102 -18.31 5.32 -10.15
N GLU B 103 -17.06 5.77 -10.01
CA GLU B 103 -16.62 7.00 -10.69
C GLU B 103 -16.25 6.75 -12.14
N ASP B 104 -16.52 7.73 -13.00
CA ASP B 104 -16.20 7.62 -14.42
C ASP B 104 -14.74 7.92 -14.69
N HIS B 105 -14.15 8.80 -13.88
CA HIS B 105 -12.79 9.26 -14.15
C HIS B 105 -12.03 9.57 -12.87
N LEU B 106 -11.00 8.76 -12.59
CA LEU B 106 -10.09 9.03 -11.48
C LEU B 106 -8.78 9.53 -12.04
N VAL B 107 -8.26 10.61 -11.45
CA VAL B 107 -6.90 11.04 -11.76
C VAL B 107 -6.10 10.98 -10.46
N ILE B 108 -4.98 10.26 -10.48
CA ILE B 108 -4.19 10.09 -9.25
C ILE B 108 -2.87 10.83 -9.43
N ALA B 109 -2.66 11.84 -8.60
CA ALA B 109 -1.44 12.63 -8.68
C ALA B 109 -0.43 12.11 -7.67
N CYS B 110 0.68 11.57 -8.17
CA CYS B 110 1.70 10.97 -7.31
C CYS B 110 2.76 11.98 -6.98
N GLY B 111 2.86 12.25 -5.70
CA GLY B 111 3.75 13.29 -5.26
C GLY B 111 4.92 12.69 -4.54
N ARG B 112 5.83 13.58 -4.18
CA ARG B 112 6.95 13.25 -3.31
C ARG B 112 6.43 13.30 -1.86
N TYR B 113 7.08 12.61 -0.94
CA TYR B 113 6.63 12.56 0.46
C TYR B 113 6.45 13.94 1.09
N GLU B 114 7.46 14.79 0.94
CA GLU B 114 7.43 16.13 1.51
C GLU B 114 6.43 17.03 0.80
N GLY B 115 6.03 16.63 -0.40
CA GLY B 115 4.73 17.07 -0.88
C GLY B 115 4.65 17.93 -2.12
N ILE B 116 3.41 18.16 -2.53
CA ILE B 116 3.09 19.02 -3.64
C ILE B 116 2.66 20.34 -3.04
N ASP B 117 3.12 21.44 -3.61
CA ASP B 117 2.63 22.77 -3.23
C ASP B 117 1.11 22.75 -3.02
N GLN B 118 0.65 23.18 -1.85
CA GLN B 118 -0.76 23.08 -1.48
C GLN B 118 -1.71 23.77 -2.45
N ARG B 119 -1.21 24.75 -3.17
CA ARG B 119 -2.08 25.50 -4.07
C ARG B 119 -2.54 24.65 -5.25
N VAL B 120 -1.84 23.56 -5.53
CA VAL B 120 -2.26 22.68 -6.64
C VAL B 120 -3.64 22.09 -6.33
N ALA B 121 -3.75 21.44 -5.18
CA ALA B 121 -5.03 20.91 -4.70
C ALA B 121 -6.07 22.02 -4.54
N ASP B 122 -5.65 23.17 -4.02
CA ASP B 122 -6.58 24.29 -3.81
C ASP B 122 -7.17 24.79 -5.14
N ASP B 123 -6.31 24.96 -6.13
CA ASP B 123 -6.72 25.42 -7.45
C ASP B 123 -7.65 24.39 -8.11
N ALA B 124 -7.28 23.11 -7.98
CA ALA B 124 -8.07 22.05 -8.60
C ALA B 124 -9.46 21.98 -8.01
N ALA B 125 -9.56 22.23 -6.71
CA ALA B 125 -10.83 22.16 -6.00
C ALA B 125 -11.81 23.24 -6.46
N THR B 126 -11.33 24.26 -7.15
CA THR B 126 -12.23 25.29 -7.68
C THR B 126 -12.98 24.79 -8.92
N ARG B 127 -12.59 23.64 -9.46
CA ARG B 127 -13.30 23.18 -10.65
C ARG B 127 -13.60 21.69 -10.69
N MET B 128 -13.10 20.93 -9.72
CA MET B 128 -13.38 19.51 -9.66
C MET B 128 -13.37 19.03 -8.20
N ARG B 129 -13.80 17.79 -7.95
CA ARG B 129 -13.70 17.22 -6.61
C ARG B 129 -12.28 16.72 -6.36
N VAL B 130 -11.74 17.02 -5.18
CA VAL B 130 -10.38 16.63 -4.84
C VAL B 130 -10.40 15.86 -3.52
N ARG B 131 -9.66 14.76 -3.48
CA ARG B 131 -9.56 13.95 -2.27
C ARG B 131 -8.11 13.67 -1.95
N GLU B 132 -7.61 14.26 -0.87
CA GLU B 132 -6.27 13.93 -0.38
C GLU B 132 -6.40 12.79 0.62
N VAL B 133 -5.69 11.69 0.38
CA VAL B 133 -5.88 10.48 1.19
C VAL B 133 -4.59 9.79 1.59
N SER B 134 -4.62 9.20 2.78
CA SER B 134 -3.55 8.35 3.27
CA SER B 134 -3.54 8.34 3.23
C SER B 134 -3.98 6.88 3.21
N ILE B 135 -3.08 5.98 2.84
CA ILE B 135 -3.47 4.57 2.82
C ILE B 135 -3.02 3.85 4.11
N GLY B 136 -2.34 4.55 5.00
CA GLY B 136 -1.91 3.90 6.24
C GLY B 136 -0.93 4.74 7.01
N ASP B 137 -0.61 4.36 8.24
CA ASP B 137 0.30 5.21 9.01
C ASP B 137 1.73 4.71 8.95
N TYR B 138 2.32 4.87 7.78
CA TYR B 138 3.71 4.54 7.55
C TYR B 138 4.16 5.50 6.48
N VAL B 139 5.47 5.63 6.31
CA VAL B 139 6.00 6.61 5.38
C VAL B 139 6.54 5.99 4.11
N LEU B 140 5.97 6.41 2.98
CA LEU B 140 6.45 6.00 1.67
C LEU B 140 7.35 7.12 1.14
N ASN B 141 8.21 6.82 0.18
CA ASN B 141 9.01 7.89 -0.41
C ASN B 141 8.19 8.70 -1.41
N GLY B 142 7.16 8.07 -1.96
CA GLY B 142 6.32 8.71 -2.97
C GLY B 142 4.91 8.16 -3.03
N GLY B 143 4.06 8.82 -3.81
CA GLY B 143 2.65 8.44 -3.94
C GLY B 143 2.39 7.22 -4.82
N GLU B 144 3.41 6.76 -5.53
CA GLU B 144 3.27 5.69 -6.52
C GLU B 144 2.75 4.37 -5.94
N ALA B 145 3.33 3.91 -4.84
CA ALA B 145 2.86 2.65 -4.25
C ALA B 145 1.43 2.78 -3.73
N ALA B 146 1.11 3.97 -3.21
CA ALA B 146 -0.24 4.24 -2.74
C ALA B 146 -1.24 4.22 -3.91
N ALA B 147 -0.82 4.76 -5.06
CA ALA B 147 -1.63 4.68 -6.27
C ALA B 147 -1.94 3.23 -6.64
N LEU B 148 -0.94 2.35 -6.55
CA LEU B 148 -1.17 0.95 -6.90
C LEU B 148 -2.14 0.27 -5.97
N VAL B 149 -2.05 0.59 -4.67
CA VAL B 149 -2.95 0.07 -3.65
C VAL B 149 -4.39 0.56 -3.91
N ILE B 150 -4.53 1.85 -4.15
CA ILE B 150 -5.86 2.42 -4.40
C ILE B 150 -6.49 1.83 -5.67
N ILE B 151 -5.70 1.73 -6.74
CA ILE B 151 -6.21 1.14 -7.97
C ILE B 151 -6.70 -0.30 -7.75
N GLU B 152 -5.90 -1.10 -7.05
CA GLU B 152 -6.31 -2.48 -6.83
C GLU B 152 -7.56 -2.57 -5.96
N ALA B 153 -7.65 -1.75 -4.91
CA ALA B 153 -8.80 -1.81 -4.00
C ALA B 153 -10.09 -1.37 -4.71
N VAL B 154 -9.95 -0.38 -5.60
CA VAL B 154 -11.11 0.17 -6.28
C VAL B 154 -11.58 -0.77 -7.41
N LEU B 155 -10.64 -1.24 -8.22
CA LEU B 155 -10.98 -2.02 -9.41
C LEU B 155 -11.67 -3.34 -9.09
N ARG B 156 -11.35 -3.95 -7.96
CA ARG B 156 -11.97 -5.24 -7.68
C ARG B 156 -13.45 -5.09 -7.32
N LEU B 157 -13.87 -3.86 -7.09
CA LEU B 157 -15.26 -3.56 -6.74
C LEU B 157 -16.07 -3.12 -7.96
N VAL B 158 -15.40 -2.86 -9.07
CA VAL B 158 -16.10 -2.36 -10.26
C VAL B 158 -16.98 -3.48 -10.82
N PRO B 159 -18.24 -3.15 -11.19
CA PRO B 159 -19.10 -4.19 -11.74
C PRO B 159 -18.48 -4.85 -12.97
N GLY B 160 -18.21 -6.16 -12.90
CA GLY B 160 -17.54 -6.87 -13.98
C GLY B 160 -16.31 -7.63 -13.54
N SER B 179 -15.15 -4.58 11.30
CA SER B 179 -16.18 -5.55 11.65
C SER B 179 -15.55 -6.71 12.42
N LEU B 180 -15.24 -7.77 11.68
CA LEU B 180 -14.53 -8.92 12.21
C LEU B 180 -13.45 -9.29 11.21
N LEU B 181 -12.35 -9.83 11.73
CA LEU B 181 -11.29 -10.34 10.87
C LEU B 181 -11.63 -11.72 10.35
N GLU B 182 -11.13 -12.04 9.17
CA GLU B 182 -11.21 -13.40 8.66
C GLU B 182 -10.41 -14.33 9.55
N GLY B 183 -10.96 -15.51 9.85
CA GLY B 183 -10.24 -16.50 10.63
C GLY B 183 -9.35 -17.31 9.72
N PRO B 184 -8.72 -18.35 10.28
CA PRO B 184 -7.81 -19.21 9.53
C PRO B 184 -8.55 -20.04 8.49
N SER B 185 -7.87 -20.32 7.38
CA SER B 185 -8.42 -21.17 6.32
CA SER B 185 -8.44 -21.18 6.34
C SER B 185 -7.54 -22.38 6.12
N TYR B 186 -8.10 -23.46 5.57
CA TYR B 186 -7.36 -24.70 5.36
C TYR B 186 -7.80 -25.37 4.08
N THR B 187 -6.89 -26.16 3.51
CA THR B 187 -7.24 -26.98 2.36
C THR B 187 -6.43 -28.29 2.42
N ARG B 188 -6.50 -29.11 1.38
CA ARG B 188 -5.92 -30.45 1.42
C ARG B 188 -4.39 -30.42 1.49
N PRO B 189 -3.77 -31.43 2.14
CA PRO B 189 -4.36 -32.60 2.81
C PRO B 189 -4.84 -32.34 4.24
N PRO B 190 -5.69 -33.24 4.79
CA PRO B 190 -6.27 -33.01 6.12
C PRO B 190 -5.25 -33.12 7.26
N SER B 191 -4.13 -33.78 7.01
CA SER B 191 -3.02 -33.79 7.96
C SER B 191 -1.74 -33.46 7.21
N TRP B 192 -0.97 -32.51 7.74
CA TRP B 192 0.25 -32.05 7.08
C TRP B 192 1.33 -31.75 8.12
N ARG B 193 2.47 -32.42 8.01
CA ARG B 193 3.57 -32.29 8.99
C ARG B 193 3.09 -32.53 10.43
N GLY B 194 2.09 -33.40 10.55
CA GLY B 194 1.55 -33.73 11.86
C GLY B 194 0.62 -32.68 12.43
N MET B 195 0.24 -31.72 11.60
CA MET B 195 -0.75 -30.71 11.95
C MET B 195 -2.06 -31.03 11.24
N ASP B 196 -3.13 -31.18 12.01
CA ASP B 196 -4.42 -31.55 11.42
C ASP B 196 -5.32 -30.34 11.20
N VAL B 197 -6.09 -30.37 10.12
CA VAL B 197 -7.19 -29.43 9.93
C VAL B 197 -8.19 -29.65 11.07
N PRO B 198 -8.68 -28.54 11.68
CA PRO B 198 -9.68 -28.67 12.75
C PRO B 198 -10.84 -29.55 12.31
N PRO B 199 -11.14 -30.60 13.08
CA PRO B 199 -12.08 -31.65 12.65
C PRO B 199 -13.45 -31.10 12.26
N VAL B 200 -13.89 -30.03 12.91
CA VAL B 200 -15.20 -29.46 12.63
C VAL B 200 -15.31 -29.07 11.15
N LEU B 201 -14.19 -28.67 10.55
CA LEU B 201 -14.20 -28.24 9.15
C LEU B 201 -14.39 -29.43 8.21
N LEU B 202 -14.08 -30.63 8.71
CA LEU B 202 -14.24 -31.85 7.93
C LEU B 202 -15.63 -32.47 8.11
N SER B 203 -16.38 -31.99 9.11
CA SER B 203 -17.60 -32.66 9.56
C SER B 203 -18.81 -32.44 8.66
N GLY B 204 -18.75 -31.42 7.80
CA GLY B 204 -19.87 -31.12 6.91
C GLY B 204 -21.08 -30.52 7.61
N ASP B 205 -20.95 -30.19 8.88
CA ASP B 205 -22.04 -29.55 9.62
C ASP B 205 -21.98 -28.03 9.49
N HIS B 206 -22.78 -27.49 8.58
CA HIS B 206 -22.78 -26.05 8.28
C HIS B 206 -22.92 -25.17 9.52
N ALA B 207 -23.76 -25.60 10.46
CA ALA B 207 -24.01 -24.83 11.67
C ALA B 207 -22.79 -24.81 12.60
N LYS B 208 -22.20 -25.98 12.85
CA LYS B 208 -21.05 -26.04 13.71
C LYS B 208 -19.85 -25.34 13.06
N ILE B 209 -19.74 -25.46 11.73
CA ILE B 209 -18.65 -24.80 11.01
C ILE B 209 -18.80 -23.28 11.11
N ALA B 210 -20.01 -22.78 10.89
CA ALA B 210 -20.27 -21.34 11.01
C ALA B 210 -19.93 -20.83 12.40
N ALA B 211 -20.24 -21.61 13.42
CA ALA B 211 -20.01 -21.21 14.81
C ALA B 211 -18.52 -21.21 15.16
N TRP B 212 -17.81 -22.24 14.74
CA TRP B 212 -16.38 -22.32 14.99
C TRP B 212 -15.67 -21.15 14.31
N ARG B 213 -16.09 -20.84 13.09
CA ARG B 213 -15.46 -19.77 12.32
C ARG B 213 -15.72 -18.42 12.97
N ALA B 214 -16.91 -18.26 13.54
CA ALA B 214 -17.24 -17.02 14.21
C ALA B 214 -16.37 -16.85 15.44
N GLU B 215 -16.19 -17.94 16.19
CA GLU B 215 -15.37 -17.92 17.39
C GLU B 215 -13.90 -17.65 17.05
N GLN B 216 -13.42 -18.22 15.95
CA GLN B 216 -12.05 -17.96 15.51
C GLN B 216 -11.83 -16.49 15.15
N SER B 217 -12.77 -15.95 14.41
CA SER B 217 -12.72 -14.55 14.02
C SER B 217 -12.76 -13.63 15.23
N ARG B 218 -13.55 -14.01 16.25
CA ARG B 218 -13.65 -13.21 17.48
C ARG B 218 -12.32 -13.16 18.22
N GLN B 219 -11.70 -14.33 18.40
CA GLN B 219 -10.41 -14.40 19.08
C GLN B 219 -9.39 -13.58 18.32
N ARG B 220 -9.41 -13.72 16.99
CA ARG B 220 -8.44 -13.02 16.15
C ARG B 220 -8.63 -11.50 16.13
N THR B 221 -9.88 -11.05 16.10
CA THR B 221 -10.15 -9.61 16.09
C THR B 221 -9.77 -8.98 17.43
N ILE B 222 -10.14 -9.64 18.53
CA ILE B 222 -9.75 -9.17 19.86
C ILE B 222 -8.23 -9.06 20.01
N GLU B 223 -7.51 -10.06 19.52
CA GLU B 223 -6.07 -10.11 19.68
C GLU B 223 -5.34 -9.13 18.76
N ARG B 224 -5.76 -9.07 17.51
CA ARG B 224 -5.03 -8.30 16.50
C ARG B 224 -5.60 -6.92 16.20
N ARG B 225 -6.93 -6.79 16.23
CA ARG B 225 -7.55 -5.51 15.88
C ARG B 225 -8.68 -5.12 16.86
N PRO B 226 -8.34 -4.92 18.14
CA PRO B 226 -9.37 -4.65 19.14
C PRO B 226 -10.18 -3.37 18.82
N ASP B 227 -9.58 -2.46 18.07
CA ASP B 227 -10.24 -1.24 17.63
C ASP B 227 -11.53 -1.50 16.82
N LEU B 228 -11.54 -2.58 16.04
CA LEU B 228 -12.71 -2.90 15.21
C LEU B 228 -13.94 -3.20 16.05
N LEU B 229 -13.73 -3.66 17.29
CA LEU B 229 -14.84 -3.99 18.19
C LEU B 229 -15.04 -2.93 19.26
N GLY B 230 -14.39 -1.79 19.06
CA GLY B 230 -14.57 -0.66 19.95
C GLY B 230 -13.81 -0.78 21.26
N PHE B 231 -12.65 -1.42 21.23
CA PHE B 231 -11.77 -1.45 22.40
C PHE B 231 -10.47 -0.66 22.17
N ASP B 232 -9.76 -0.39 23.26
CA ASP B 232 -8.48 0.31 23.18
C ASP B 232 -7.44 -0.49 22.41
N SER B 233 -6.47 0.21 21.81
CA SER B 233 -5.37 -0.45 21.11
C SER B 233 -4.14 -0.60 22.02
O01 97T C . -6.42 -7.86 0.95
C02 97T C . -5.24 -8.59 1.12
C03 97T C . -5.10 -9.79 0.45
C04 97T C . -3.95 -10.55 0.60
C05 97T C . -2.94 -10.09 1.42
C06 97T C . -3.06 -8.89 2.10
C07 97T C . -4.22 -8.13 1.96
C08 97T C . -4.28 -6.92 2.66
O09 97T C . -3.27 -6.41 3.39
N10 97T C . -3.67 -5.21 3.95
C11 97T C . -4.94 -4.98 3.57
C12 97T C . -5.34 -6.04 2.76
O01 97T D . 4.36 8.71 2.47
C02 97T D . 3.72 9.14 1.30
C03 97T D . 4.44 9.91 0.39
C04 97T D . 3.85 10.38 -0.77
C05 97T D . 2.53 10.08 -1.02
C06 97T D . 1.80 9.33 -0.12
C07 97T D . 2.38 8.85 1.05
C08 97T D . 1.58 8.09 1.91
O09 97T D . 0.28 7.82 1.69
N10 97T D . -0.22 7.03 2.71
C11 97T D . 0.79 6.80 3.58
C12 97T D . 1.92 7.44 3.09
#